data_3VFE
#
_entry.id   3VFE
#
_cell.length_a   43.938
_cell.length_b   47.909
_cell.length_c   107.553
_cell.angle_alpha   90.000
_cell.angle_beta   90.000
_cell.angle_gamma   90.000
#
_symmetry.space_group_name_H-M   'P 21 21 21'
#
loop_
_entity.id
_entity.type
_entity.pdbx_description
1 polymer Kallikrein-6
2 non-polymer 4-{[(3R)-3-{[(7-methoxynaphthalen-2-yl)sulfonyl](thiophen-3-ylmethyl)amino}-2-oxopyrrolidin-1-yl]methyl}thiophene-2-carboximidamide
3 water water
#
_entity_poly.entity_id   1
_entity_poly.type   'polypeptide(L)'
_entity_poly.pdbx_seq_one_letter_code
;LVHGGPCDKTSHPYQAALYTSGHLLCGGVLIHPLWVLTAAHCKKPNLQVFLGKHNLGQQESSQEQSSVVRAVIHPDYDAA
SHDQDIMLLRLARPAKLSELIQPLPLERDCSAQTTSCHILGWGKTADGDFPDTIQCAYIHLVSREECEHAYPGQITQNML
CAGDEKYGKDSCQGDSGGPLVCGDHLRGLVSWGNIPCGSKEKPGVYTNVCRYTNWIQKTIQAK
;
_entity_poly.pdbx_strand_id   A
#
loop_
_chem_comp.id
_chem_comp.type
_chem_comp.name
_chem_comp.formula
0HL non-polymer 4-{[(3R)-3-{[(7-methoxynaphthalen-2-yl)sulfonyl](thiophen-3-ylmethyl)amino}-2-oxopyrrolidin-1-yl]methyl}thiophene-2-carboximidamide 'C26 H26 N4 O4 S3'
#
# COMPACT_ATOMS: atom_id res chain seq x y z
N LEU A 1 -0.03 -10.71 2.46
CA LEU A 1 -0.79 -11.05 1.23
C LEU A 1 -0.71 -12.54 0.93
N VAL A 2 -1.74 -13.09 0.30
CA VAL A 2 -1.85 -14.53 0.13
C VAL A 2 -1.47 -15.02 -1.26
N HIS A 3 -0.78 -16.16 -1.31
CA HIS A 3 -0.45 -16.85 -2.56
C HIS A 3 0.66 -16.19 -3.36
N GLY A 4 1.37 -15.25 -2.72
CA GLY A 4 2.55 -14.69 -3.34
C GLY A 4 3.79 -15.42 -2.88
N GLY A 5 4.93 -14.75 -3.00
CA GLY A 5 6.18 -15.30 -2.50
C GLY A 5 7.10 -14.17 -2.11
N PRO A 6 8.27 -14.47 -1.55
CA PRO A 6 9.19 -13.40 -1.13
C PRO A 6 9.66 -12.55 -2.31
N CYS A 7 9.64 -11.24 -2.13
CA CYS A 7 10.05 -10.31 -3.18
C CYS A 7 11.53 -10.48 -3.46
N ASP A 8 11.94 -10.20 -4.69
CA ASP A 8 13.36 -10.00 -4.98
C ASP A 8 13.86 -8.84 -4.11
N LYS A 9 15.02 -9.00 -3.51
CA LYS A 9 15.52 -8.05 -2.51
C LYS A 9 15.64 -6.62 -3.03
N THR A 10 15.87 -6.46 -4.32
CA THR A 10 16.17 -5.15 -4.87
C THR A 10 14.97 -4.50 -5.54
N SER A 11 13.81 -5.15 -5.46
CA SER A 11 12.68 -4.75 -6.28
CA SER A 11 12.68 -4.76 -6.28
C SER A 11 11.64 -3.92 -5.54
N HIS A 12 11.88 -3.63 -4.27
CA HIS A 12 10.88 -2.92 -3.47
C HIS A 12 11.44 -1.77 -2.63
N PRO A 13 12.24 -0.88 -3.25
CA PRO A 13 12.89 0.19 -2.49
C PRO A 13 11.93 1.26 -1.95
N TYR A 14 10.70 1.25 -2.44
CA TYR A 14 9.69 2.25 -2.06
C TYR A 14 8.79 1.77 -0.92
N GLN A 15 8.90 0.49 -0.57
CA GLN A 15 8.01 -0.10 0.43
C GLN A 15 8.36 0.38 1.84
N ALA A 16 7.34 0.79 2.58
CA ALA A 16 7.53 1.17 3.96
C ALA A 16 6.83 0.19 4.89
N ALA A 17 7.37 0.04 6.09
CA ALA A 17 6.68 -0.70 7.14
C ALA A 17 6.28 0.30 8.24
N LEU A 18 5.03 0.23 8.67
CA LEU A 18 4.52 1.09 9.73
C LEU A 18 4.30 0.30 11.01
N TYR A 19 4.90 0.77 12.09
CA TYR A 19 4.78 0.14 13.40
C TYR A 19 4.11 1.09 14.38
N THR A 20 3.42 0.54 15.36
CA THR A 20 3.12 1.26 16.59
C THR A 20 3.24 0.28 17.77
N SER A 21 3.74 0.76 18.90
CA SER A 21 3.91 -0.09 20.08
C SER A 21 4.82 -1.29 19.82
N GLY A 22 5.70 -1.15 18.83
CA GLY A 22 6.66 -2.21 18.56
C GLY A 22 6.12 -3.34 17.69
N HIS A 23 4.89 -3.19 17.20
CA HIS A 23 4.30 -4.22 16.35
C HIS A 23 3.89 -3.65 14.98
N LEU A 24 4.02 -4.49 13.96
CA LEU A 24 3.60 -4.13 12.60
C LEU A 24 2.14 -3.68 12.60
N LEU A 25 1.89 -2.54 11.96
CA LEU A 25 0.53 -2.01 11.86
C LEU A 25 0.03 -2.07 10.42
N CYS A 26 0.85 -1.60 9.49
CA CYS A 26 0.45 -1.49 8.09
C CYS A 26 1.67 -1.38 7.18
N GLY A 27 1.41 -1.38 5.88
CA GLY A 27 2.43 -1.01 4.93
C GLY A 27 2.33 0.46 4.56
N GLY A 28 3.11 0.86 3.56
CA GLY A 28 3.14 2.25 3.14
C GLY A 28 4.06 2.39 1.94
N VAL A 29 4.05 3.55 1.30
CA VAL A 29 4.85 3.75 0.10
C VAL A 29 5.56 5.09 0.16
N LEU A 30 6.87 5.08 -0.04
CA LEU A 30 7.64 6.32 -0.08
C LEU A 30 7.39 6.99 -1.43
N ILE A 31 6.91 8.23 -1.39
CA ILE A 31 6.64 8.95 -2.64
C ILE A 31 7.44 10.24 -2.75
N HIS A 32 8.15 10.56 -1.68
CA HIS A 32 8.91 11.81 -1.58
C HIS A 32 9.89 11.60 -0.42
N PRO A 33 11.08 12.21 -0.49
CA PRO A 33 12.05 11.99 0.60
C PRO A 33 11.44 12.27 1.98
N LEU A 34 10.43 13.14 2.01
CA LEU A 34 9.84 13.56 3.27
C LEU A 34 8.47 12.95 3.57
N TRP A 35 7.92 12.18 2.64
CA TRP A 35 6.53 11.74 2.76
C TRP A 35 6.28 10.29 2.43
N VAL A 36 5.51 9.61 3.28
CA VAL A 36 5.02 8.26 3.02
C VAL A 36 3.50 8.27 2.86
N LEU A 37 3.01 7.53 1.87
CA LEU A 37 1.57 7.40 1.66
C LEU A 37 1.13 6.07 2.26
N THR A 38 0.00 6.06 2.94
CA THR A 38 -0.56 4.83 3.49
C THR A 38 -2.07 4.98 3.55
N ALA A 39 -2.77 4.03 4.17
CA ALA A 39 -4.23 4.10 4.26
C ALA A 39 -4.65 4.95 5.45
N ALA A 40 -5.76 5.66 5.31
CA ALA A 40 -6.27 6.47 6.42
C ALA A 40 -6.59 5.62 7.64
N HIS A 41 -7.04 4.38 7.43
CA HIS A 41 -7.44 3.57 8.57
C HIS A 41 -6.24 3.06 9.36
N CYS A 42 -5.06 3.48 8.93
CA CYS A 42 -3.83 3.14 9.65
C CYS A 42 -3.44 4.13 10.73
N LYS A 43 -4.16 5.24 10.84
CA LYS A 43 -3.75 6.30 11.76
C LYS A 43 -3.78 5.85 13.23
N LYS A 44 -2.63 5.93 13.89
CA LYS A 44 -2.53 5.70 15.33
C LYS A 44 -1.45 6.62 15.89
N PRO A 45 -1.47 6.89 17.20
CA PRO A 45 -0.36 7.61 17.85
C PRO A 45 0.94 6.82 17.80
N ASN A 46 2.07 7.53 17.91
CA ASN A 46 3.37 6.90 18.09
C ASN A 46 3.71 5.96 16.93
N LEU A 47 3.61 6.49 15.72
CA LEU A 47 3.93 5.70 14.53
C LEU A 47 5.42 5.73 14.27
N GLN A 48 5.96 4.56 13.91
CA GLN A 48 7.35 4.46 13.49
C GLN A 48 7.36 3.92 12.07
N VAL A 49 8.06 4.62 11.17
CA VAL A 49 8.19 4.18 9.79
C VAL A 49 9.57 3.58 9.53
N PHE A 50 9.59 2.37 8.98
CA PHE A 50 10.84 1.73 8.61
C PHE A 50 10.96 1.66 7.09
N LEU A 51 12.06 2.20 6.56
CA LEU A 51 12.34 2.16 5.14
C LEU A 51 13.52 1.22 4.88
N GLY A 52 13.62 0.70 3.66
CA GLY A 52 14.74 -0.14 3.29
C GLY A 52 14.73 -1.52 3.94
N LYS A 53 13.56 -1.92 4.43
CA LYS A 53 13.41 -3.22 5.10
C LYS A 53 13.02 -4.31 4.11
N HIS A 54 13.46 -5.52 4.39
CA HIS A 54 13.07 -6.70 3.60
C HIS A 54 12.57 -7.78 4.54
N ASN A 55 13.36 -8.07 5.58
CA ASN A 55 13.00 -9.06 6.60
C ASN A 55 12.82 -8.37 7.96
N LEU A 56 11.62 -8.44 8.51
CA LEU A 56 11.28 -7.66 9.70
C LEU A 56 12.00 -8.14 10.96
N GLY A 57 12.48 -9.39 10.96
CA GLY A 57 13.18 -9.90 12.12
C GLY A 57 14.64 -9.48 12.16
N GLN A 58 15.16 -9.00 11.04
CA GLN A 58 16.57 -8.65 10.95
C GLN A 58 16.83 -7.16 11.12
N GLN A 59 18.07 -6.86 11.53
CA GLN A 59 18.53 -5.48 11.59
C GLN A 59 19.37 -5.33 10.35
N GLU A 60 18.76 -4.74 9.34
CA GLU A 60 19.35 -4.76 8.02
C GLU A 60 20.16 -3.49 7.83
N SER A 61 21.30 -3.63 7.15
CA SER A 61 22.21 -2.50 7.00
C SER A 61 21.60 -1.40 6.14
N SER A 62 20.56 -1.74 5.39
CA SER A 62 19.93 -0.80 4.47
C SER A 62 18.79 -0.03 5.14
N GLN A 63 18.38 -0.45 6.34
CA GLN A 63 17.16 0.08 6.92
C GLN A 63 17.34 1.43 7.59
N GLU A 64 16.27 2.22 7.60
CA GLU A 64 16.27 3.49 8.31
C GLU A 64 14.97 3.57 9.10
N GLN A 65 15.04 4.09 10.31
CA GLN A 65 13.86 4.22 11.15
C GLN A 65 13.55 5.70 11.35
N SER A 66 12.27 6.06 11.27
CA SER A 66 11.87 7.44 11.47
C SER A 66 10.51 7.56 12.13
N SER A 67 10.38 8.54 13.03
CA SER A 67 9.09 8.90 13.60
CA SER A 67 9.07 8.87 13.57
C SER A 67 8.34 9.77 12.59
N VAL A 68 7.07 10.03 12.86
CA VAL A 68 6.25 10.89 12.02
C VAL A 68 5.98 12.17 12.78
N VAL A 69 6.08 13.32 12.12
CA VAL A 69 5.80 14.57 12.79
C VAL A 69 4.46 15.14 12.38
N ARG A 70 3.89 14.58 11.32
CA ARG A 70 2.59 15.02 10.83
C ARG A 70 1.90 13.85 10.11
N ALA A 71 0.64 13.60 10.46
CA ALA A 71 -0.14 12.57 9.78
C ALA A 71 -1.41 13.19 9.25
N VAL A 72 -1.55 13.25 7.93
CA VAL A 72 -2.66 13.99 7.35
C VAL A 72 -3.60 13.05 6.64
N ILE A 73 -4.69 12.69 7.31
CA ILE A 73 -5.76 11.91 6.69
C ILE A 73 -6.55 12.78 5.73
N HIS A 74 -7.06 12.19 4.65
CA HIS A 74 -7.90 12.96 3.74
C HIS A 74 -9.15 13.39 4.51
N PRO A 75 -9.59 14.64 4.31
CA PRO A 75 -10.71 15.19 5.09
C PRO A 75 -11.99 14.38 4.95
N ASP A 76 -12.18 13.76 3.80
CA ASP A 76 -13.45 13.13 3.47
C ASP A 76 -13.46 11.62 3.66
N TYR A 77 -12.44 11.10 4.34
CA TYR A 77 -12.35 9.68 4.61
C TYR A 77 -13.58 9.14 5.34
N ASP A 78 -14.12 8.04 4.82
CA ASP A 78 -15.29 7.41 5.41
C ASP A 78 -14.93 6.05 5.99
N ALA A 79 -14.91 5.94 7.32
CA ALA A 79 -14.41 4.74 7.98
C ALA A 79 -15.26 3.51 7.64
N ALA A 80 -16.57 3.70 7.53
CA ALA A 80 -17.46 2.58 7.26
C ALA A 80 -17.21 1.95 5.89
N SER A 81 -17.02 2.78 4.87
CA SER A 81 -16.95 2.28 3.50
C SER A 81 -15.52 2.23 2.98
N HIS A 82 -14.60 2.83 3.74
CA HIS A 82 -13.21 2.99 3.30
C HIS A 82 -13.08 3.93 2.11
N ASP A 83 -14.12 4.72 1.84
CA ASP A 83 -14.05 5.69 0.76
C ASP A 83 -12.99 6.73 1.10
N GLN A 84 -12.12 7.03 0.13
CA GLN A 84 -11.05 8.00 0.30
C GLN A 84 -10.09 7.59 1.41
N ASP A 85 -9.64 6.33 1.35
CA ASP A 85 -8.80 5.72 2.37
C ASP A 85 -7.32 6.04 2.10
N ILE A 86 -6.92 7.25 2.47
CA ILE A 86 -5.57 7.70 2.13
C ILE A 86 -5.07 8.69 3.17
N MET A 87 -3.79 8.56 3.51
CA MET A 87 -3.16 9.41 4.52
C MET A 87 -1.71 9.69 4.10
N LEU A 88 -1.27 10.93 4.32
CA LEU A 88 0.13 11.31 4.09
C LEU A 88 0.86 11.39 5.42
N LEU A 89 2.02 10.75 5.50
CA LEU A 89 2.82 10.80 6.70
C LEU A 89 4.09 11.59 6.45
N ARG A 90 4.27 12.65 7.23
CA ARG A 90 5.45 13.49 7.13
C ARG A 90 6.55 12.89 8.01
N LEU A 91 7.65 12.48 7.40
CA LEU A 91 8.74 11.86 8.14
C LEU A 91 9.51 12.91 8.95
N ALA A 92 9.88 12.56 10.16
CA ALA A 92 10.60 13.46 11.05
C ALA A 92 12.01 13.72 10.51
N ARG A 93 12.56 12.74 9.81
CA ARG A 93 13.80 12.96 9.10
C ARG A 93 13.74 12.42 7.68
N PRO A 94 14.23 13.22 6.72
CA PRO A 94 14.16 12.86 5.30
C PRO A 94 14.84 11.54 4.99
N ALA A 95 14.21 10.76 4.12
CA ALA A 95 14.69 9.43 3.82
C ALA A 95 16.12 9.48 3.28
N LYS A 96 17.00 8.70 3.89
CA LYS A 96 18.34 8.56 3.36
C LYS A 96 18.32 7.61 2.17
N LEU A 97 18.18 8.20 0.98
CA LEU A 97 17.94 7.43 -0.23
C LEU A 97 19.17 6.62 -0.58
N SER A 98 18.94 5.46 -1.19
CA SER A 98 20.00 4.54 -1.57
C SER A 98 19.44 3.59 -2.63
N GLU A 99 20.20 2.55 -2.97
CA GLU A 99 19.69 1.53 -3.86
C GLU A 99 18.42 0.91 -3.31
N LEU A 100 18.33 0.78 -1.99
CA LEU A 100 17.24 0.04 -1.38
C LEU A 100 16.18 0.95 -0.76
N ILE A 101 16.36 2.26 -0.92
CA ILE A 101 15.36 3.25 -0.48
C ILE A 101 15.17 4.29 -1.59
N GLN A 102 14.05 4.19 -2.30
CA GLN A 102 13.75 5.08 -3.42
C GLN A 102 12.27 5.40 -3.41
N PRO A 103 11.90 6.65 -3.74
CA PRO A 103 10.49 7.00 -3.94
C PRO A 103 9.92 6.34 -5.18
N LEU A 104 8.61 6.11 -5.19
CA LEU A 104 7.93 5.58 -6.37
C LEU A 104 7.06 6.69 -6.97
N PRO A 105 7.17 6.92 -8.29
CA PRO A 105 6.33 7.93 -8.94
C PRO A 105 4.85 7.56 -8.94
N LEU A 106 3.99 8.57 -8.82
CA LEU A 106 2.55 8.32 -8.81
C LEU A 106 2.02 8.20 -10.23
N GLU A 107 0.99 7.38 -10.42
CA GLU A 107 0.25 7.38 -11.67
C GLU A 107 -0.81 8.47 -11.59
N ARG A 108 -0.59 9.57 -12.32
CA ARG A 108 -1.49 10.71 -12.24
C ARG A 108 -2.61 10.62 -13.25
N ASP A 109 -2.48 9.67 -14.17
CA ASP A 109 -3.47 9.48 -15.24
C ASP A 109 -4.46 8.37 -14.88
N CYS A 110 -5.70 8.75 -14.56
CA CYS A 110 -6.74 7.79 -14.21
C CYS A 110 -7.08 6.85 -15.36
N SER A 111 -6.69 7.24 -16.58
CA SER A 111 -6.95 6.45 -17.76
C SER A 111 -5.73 5.67 -18.20
N ALA A 112 -4.77 5.51 -17.30
CA ALA A 112 -3.55 4.78 -17.59
C ALA A 112 -3.87 3.36 -18.08
N GLN A 113 -3.13 2.90 -19.09
CA GLN A 113 -3.43 1.64 -19.78
C GLN A 113 -3.02 0.37 -19.05
N THR A 114 -1.95 0.44 -18.27
CA THR A 114 -1.34 -0.77 -17.74
C THR A 114 -2.26 -1.40 -16.69
N THR A 115 -2.62 -2.67 -16.90
CA THR A 115 -3.47 -3.38 -15.96
C THR A 115 -2.73 -4.53 -15.26
N SER A 116 -1.53 -4.83 -15.71
CA SER A 116 -0.68 -5.81 -15.03
C SER A 116 0.03 -5.11 -13.87
N CYS A 117 -0.18 -5.61 -12.66
CA CYS A 117 0.36 -4.94 -11.46
C CYS A 117 1.02 -5.93 -10.51
N HIS A 118 1.65 -5.41 -9.46
CA HIS A 118 1.99 -6.23 -8.31
C HIS A 118 1.68 -5.52 -7.00
N ILE A 119 1.52 -6.32 -5.95
CA ILE A 119 1.33 -5.80 -4.60
C ILE A 119 2.42 -6.36 -3.72
N LEU A 120 2.62 -5.76 -2.55
CA LEU A 120 3.66 -6.20 -1.63
C LEU A 120 3.23 -5.97 -0.19
N GLY A 121 3.76 -6.75 0.73
CA GLY A 121 3.48 -6.49 2.13
C GLY A 121 3.93 -7.57 3.09
N TRP A 122 3.84 -7.26 4.37
CA TRP A 122 4.17 -8.21 5.44
C TRP A 122 2.89 -8.71 6.11
N GLY A 123 1.78 -8.56 5.41
CA GLY A 123 0.50 -8.99 5.95
C GLY A 123 0.33 -10.50 5.92
N LYS A 124 -0.81 -10.96 6.42
CA LYS A 124 -1.04 -12.39 6.62
C LYS A 124 -0.93 -13.16 5.32
N THR A 125 -0.26 -14.31 5.39
CA THR A 125 -0.14 -15.20 4.24
C THR A 125 -1.21 -16.29 4.27
N ALA A 126 -1.21 -17.15 3.25
CA ALA A 126 -2.27 -18.14 3.08
C ALA A 126 -2.37 -19.12 4.25
N ASP A 127 -1.26 -19.34 4.94
CA ASP A 127 -1.24 -20.28 6.06
C ASP A 127 -1.81 -19.62 7.32
N GLY A 128 -2.10 -18.33 7.23
CA GLY A 128 -2.71 -17.64 8.36
C GLY A 128 -1.72 -16.96 9.28
N ASP A 129 -0.43 -17.10 8.98
CA ASP A 129 0.63 -16.55 9.82
C ASP A 129 1.11 -15.22 9.23
N PHE A 130 1.95 -14.50 9.96
CA PHE A 130 2.57 -13.28 9.44
C PHE A 130 4.02 -13.55 9.11
N PRO A 131 4.44 -13.24 7.86
CA PRO A 131 5.79 -13.51 7.37
C PRO A 131 6.86 -12.54 7.88
N ASP A 132 8.08 -13.04 8.05
CA ASP A 132 9.23 -12.19 8.34
C ASP A 132 9.63 -11.45 7.08
N THR A 133 9.58 -12.16 5.95
CA THR A 133 10.06 -11.64 4.69
C THR A 133 8.93 -11.06 3.86
N ILE A 134 9.15 -9.88 3.30
CA ILE A 134 8.14 -9.21 2.51
C ILE A 134 7.71 -10.06 1.31
N GLN A 135 6.40 -10.13 1.09
CA GLN A 135 5.83 -10.95 0.03
C GLN A 135 5.42 -10.08 -1.14
N CYS A 136 5.41 -10.68 -2.34
CA CYS A 136 5.03 -10.01 -3.58
C CYS A 136 4.10 -10.92 -4.37
N ALA A 137 3.20 -10.32 -5.15
CA ALA A 137 2.39 -11.11 -6.08
C ALA A 137 1.92 -10.26 -7.26
N TYR A 138 1.93 -10.86 -8.45
CA TYR A 138 1.35 -10.23 -9.64
C TYR A 138 -0.16 -10.35 -9.63
N ILE A 139 -0.84 -9.22 -9.82
CA ILE A 139 -2.29 -9.24 -9.99
C ILE A 139 -2.68 -8.26 -11.09
N HIS A 140 -3.96 -8.24 -11.43
CA HIS A 140 -4.44 -7.47 -12.56
C HIS A 140 -5.55 -6.55 -12.11
N LEU A 141 -5.57 -5.33 -12.63
CA LEU A 141 -6.71 -4.44 -12.39
C LEU A 141 -7.96 -5.08 -12.98
N VAL A 142 -9.08 -4.92 -12.29
CA VAL A 142 -10.36 -5.46 -12.72
C VAL A 142 -11.23 -4.29 -13.14
N SER A 143 -12.02 -4.46 -14.19
CA SER A 143 -12.75 -3.31 -14.72
C SER A 143 -13.78 -2.85 -13.69
N ARG A 144 -14.06 -1.55 -13.69
CA ARG A 144 -14.94 -0.96 -12.69
C ARG A 144 -16.28 -1.70 -12.66
N GLU A 145 -16.79 -2.02 -13.83
CA GLU A 145 -18.07 -2.72 -13.91
C GLU A 145 -17.94 -4.11 -13.33
N GLU A 146 -16.79 -4.75 -13.54
CA GLU A 146 -16.55 -6.06 -12.94
C GLU A 146 -16.59 -5.92 -11.43
N CYS A 147 -15.98 -4.88 -10.90
CA CYS A 147 -15.87 -4.78 -9.47
C CYS A 147 -17.13 -4.33 -8.79
N GLU A 148 -17.92 -3.52 -9.49
CA GLU A 148 -19.20 -3.07 -8.96
C GLU A 148 -20.12 -4.26 -8.76
N HIS A 149 -20.08 -5.23 -9.67
CA HIS A 149 -20.87 -6.45 -9.50
C HIS A 149 -20.37 -7.23 -8.29
N ALA A 150 -19.07 -7.14 -8.03
CA ALA A 150 -18.48 -7.86 -6.91
C ALA A 150 -18.93 -7.27 -5.57
N TYR A 151 -19.08 -5.95 -5.52
CA TYR A 151 -19.49 -5.27 -4.30
C TYR A 151 -20.59 -4.26 -4.60
N PRO A 152 -21.77 -4.74 -5.00
CA PRO A 152 -22.82 -3.87 -5.54
C PRO A 152 -23.07 -2.66 -4.67
N GLY A 153 -23.02 -1.48 -5.28
CA GLY A 153 -23.37 -0.25 -4.59
C GLY A 153 -22.27 0.30 -3.69
N GLN A 154 -21.16 -0.41 -3.56
CA GLN A 154 -20.18 -0.07 -2.52
C GLN A 154 -18.86 0.46 -3.06
N ILE A 155 -18.74 0.55 -4.38
CA ILE A 155 -17.49 0.95 -5.02
C ILE A 155 -17.62 2.37 -5.57
N THR A 156 -16.76 3.27 -5.10
CA THR A 156 -16.79 4.65 -5.55
C THR A 156 -15.70 4.87 -6.58
N GLN A 157 -15.67 6.08 -7.16
CA GLN A 157 -14.63 6.42 -8.13
C GLN A 157 -13.27 6.53 -7.46
N ASN A 158 -13.27 6.56 -6.13
CA ASN A 158 -12.03 6.66 -5.35
C ASN A 158 -11.46 5.28 -5.03
N MET A 159 -12.03 4.25 -5.65
CA MET A 159 -11.59 2.89 -5.42
C MET A 159 -11.21 2.19 -6.72
N LEU A 160 -10.26 1.26 -6.60
CA LEU A 160 -9.76 0.49 -7.72
C LEU A 160 -9.79 -0.97 -7.28
N CYS A 161 -10.11 -1.87 -8.20
CA CYS A 161 -10.08 -3.28 -7.86
C CYS A 161 -9.04 -4.04 -8.66
N ALA A 162 -8.46 -5.04 -8.02
CA ALA A 162 -7.38 -5.81 -8.61
C ALA A 162 -7.37 -7.20 -7.98
N GLY A 163 -7.02 -8.20 -8.78
CA GLY A 163 -7.05 -9.57 -8.29
C GLY A 163 -6.45 -10.53 -9.28
N ASP A 164 -6.62 -11.82 -9.02
CA ASP A 164 -5.98 -12.88 -9.79
C ASP A 164 -6.89 -14.10 -9.78
N GLU A 165 -7.51 -14.40 -10.92
CA GLU A 165 -8.49 -15.47 -10.97
C GLU A 165 -7.83 -16.85 -10.94
N LYS A 166 -6.53 -16.91 -11.21
CA LYS A 166 -5.84 -18.19 -11.32
C LYS A 166 -5.46 -18.76 -9.97
N TYR A 167 -4.83 -17.93 -9.15
CA TYR A 167 -4.39 -18.37 -7.82
C TYR A 167 -5.15 -17.64 -6.70
N GLY A 168 -5.79 -16.53 -7.03
CA GLY A 168 -6.47 -15.75 -6.02
C GLY A 168 -5.52 -14.87 -5.22
N LYS A 169 -4.33 -14.63 -5.76
CA LYS A 169 -3.38 -13.73 -5.11
C LYS A 169 -4.11 -12.44 -4.72
N ASP A 170 -3.83 -11.95 -3.52
CA ASP A 170 -4.64 -10.89 -2.93
C ASP A 170 -3.86 -10.31 -1.77
N SER A 171 -4.14 -9.06 -1.43
CA SER A 171 -3.57 -8.49 -0.22
C SER A 171 -4.38 -9.02 0.96
N CYS A 172 -3.95 -8.71 2.17
CA CYS A 172 -4.60 -9.28 3.35
C CYS A 172 -4.41 -8.36 4.55
N GLN A 173 -4.83 -8.84 5.72
CA GLN A 173 -4.70 -8.07 6.95
C GLN A 173 -3.23 -7.78 7.22
N GLY A 174 -2.91 -6.51 7.48
CA GLY A 174 -1.53 -6.14 7.69
C GLY A 174 -0.85 -5.54 6.46
N ASP A 175 -1.52 -5.61 5.31
CA ASP A 175 -0.97 -5.07 4.08
C ASP A 175 -1.46 -3.65 3.79
N SER A 176 -2.41 -3.18 4.59
CA SER A 176 -3.02 -1.87 4.39
C SER A 176 -2.01 -0.79 4.02
N GLY A 177 -2.37 0.06 3.07
CA GLY A 177 -1.52 1.20 2.75
C GLY A 177 -0.35 0.84 1.84
N GLY A 178 -0.16 -0.45 1.61
CA GLY A 178 0.89 -0.89 0.71
C GLY A 178 0.57 -0.55 -0.73
N PRO A 179 1.60 -0.49 -1.59
CA PRO A 179 1.47 -0.08 -2.99
C PRO A 179 0.87 -1.14 -3.90
N LEU A 180 -0.07 -0.71 -4.73
CA LEU A 180 -0.43 -1.44 -5.94
C LEU A 180 0.36 -0.76 -7.05
N VAL A 181 1.30 -1.49 -7.64
CA VAL A 181 2.21 -0.91 -8.62
C VAL A 181 1.88 -1.42 -10.01
N CYS A 182 1.54 -0.51 -10.92
CA CYS A 182 1.24 -0.89 -12.30
C CYS A 182 2.10 -0.07 -13.26
N GLY A 183 2.84 -0.74 -14.13
CA GLY A 183 3.72 -0.02 -15.02
C GLY A 183 4.73 0.78 -14.23
N ASP A 184 5.09 0.23 -13.07
CA ASP A 184 6.14 0.81 -12.24
C ASP A 184 5.78 2.22 -11.74
N HIS A 185 4.49 2.50 -11.68
CA HIS A 185 3.99 3.70 -11.02
C HIS A 185 3.01 3.31 -9.93
N LEU A 186 2.85 4.17 -8.92
CA LEU A 186 1.89 3.90 -7.85
C LEU A 186 0.48 4.14 -8.36
N ARG A 187 -0.31 3.07 -8.41
CA ARG A 187 -1.66 3.14 -8.96
C ARG A 187 -2.70 3.07 -7.84
N GLY A 188 -2.38 2.35 -6.77
CA GLY A 188 -3.32 2.23 -5.66
C GLY A 188 -2.67 1.94 -4.33
N LEU A 189 -3.46 1.98 -3.26
CA LEU A 189 -3.02 1.58 -1.91
C LEU A 189 -3.95 0.50 -1.39
N VAL A 190 -3.40 -0.52 -0.76
CA VAL A 190 -4.23 -1.58 -0.17
C VAL A 190 -5.24 -0.95 0.78
N SER A 191 -6.53 -1.21 0.55
CA SER A 191 -7.55 -0.60 1.39
C SER A 191 -8.47 -1.60 2.08
N TRP A 192 -9.13 -2.46 1.30
CA TRP A 192 -9.95 -3.53 1.87
C TRP A 192 -10.21 -4.64 0.85
N GLY A 193 -10.98 -5.64 1.27
CA GLY A 193 -11.22 -6.76 0.39
C GLY A 193 -11.91 -7.89 1.12
N ASN A 194 -11.87 -9.09 0.54
CA ASN A 194 -12.58 -10.22 1.09
C ASN A 194 -11.86 -10.77 2.31
N ILE A 195 -12.63 -11.36 3.22
CA ILE A 195 -12.10 -12.05 4.38
C ILE A 195 -12.90 -13.34 4.56
N PRO A 196 -12.24 -14.51 4.52
CA PRO A 196 -10.79 -14.69 4.32
C PRO A 196 -10.28 -14.14 3.00
N CYS A 197 -8.98 -13.86 2.95
CA CYS A 197 -8.41 -13.16 1.80
C CYS A 197 -8.20 -14.11 0.62
N GLY A 198 -8.21 -13.54 -0.58
CA GLY A 198 -8.17 -14.34 -1.79
C GLY A 198 -9.10 -13.69 -2.80
N SER A 199 -8.64 -13.53 -4.04
CA SER A 199 -9.35 -12.70 -5.01
C SER A 199 -9.99 -13.50 -6.15
N LYS A 200 -10.13 -14.80 -5.98
CA LYS A 200 -10.70 -15.62 -7.04
C LYS A 200 -12.11 -15.20 -7.44
N GLU A 201 -12.93 -14.81 -6.46
CA GLU A 201 -14.26 -14.32 -6.80
C GLU A 201 -14.49 -12.85 -6.46
N LYS A 202 -13.91 -12.37 -5.37
CA LYS A 202 -14.00 -10.95 -5.06
C LYS A 202 -12.62 -10.31 -5.03
N PRO A 203 -12.39 -9.34 -5.92
CA PRO A 203 -11.07 -8.69 -6.02
C PRO A 203 -10.77 -7.86 -4.78
N GLY A 204 -9.49 -7.59 -4.55
CA GLY A 204 -9.12 -6.66 -3.49
C GLY A 204 -9.47 -5.26 -3.92
N VAL A 205 -9.70 -4.37 -2.95
CA VAL A 205 -10.04 -3.01 -3.27
C VAL A 205 -8.94 -2.06 -2.82
N TYR A 206 -8.61 -1.12 -3.70
CA TYR A 206 -7.45 -0.26 -3.53
C TYR A 206 -7.85 1.20 -3.66
N THR A 207 -7.23 2.07 -2.87
CA THR A 207 -7.48 3.50 -2.99
C THR A 207 -6.97 3.97 -4.35
N ASN A 208 -7.82 4.67 -5.09
CA ASN A 208 -7.51 5.09 -6.45
C ASN A 208 -6.60 6.33 -6.39
N VAL A 209 -5.29 6.09 -6.36
CA VAL A 209 -4.31 7.16 -6.12
C VAL A 209 -4.35 8.30 -7.15
N CYS A 210 -4.70 7.99 -8.39
CA CYS A 210 -4.69 9.00 -9.43
C CYS A 210 -5.67 10.14 -9.10
N ARG A 211 -6.67 9.82 -8.27
CA ARG A 211 -7.68 10.80 -7.91
C ARG A 211 -7.16 11.85 -6.93
N TYR A 212 -6.02 11.57 -6.31
CA TYR A 212 -5.57 12.38 -5.20
C TYR A 212 -4.29 13.18 -5.50
N THR A 213 -3.95 13.25 -6.78
CA THR A 213 -2.77 13.98 -7.22
C THR A 213 -2.71 15.42 -6.67
N ASN A 214 -3.80 16.17 -6.84
CA ASN A 214 -3.84 17.55 -6.38
C ASN A 214 -3.74 17.64 -4.86
N TRP A 215 -4.49 16.80 -4.17
CA TRP A 215 -4.49 16.84 -2.71
C TRP A 215 -3.11 16.49 -2.16
N ILE A 216 -2.43 15.55 -2.82
CA ILE A 216 -1.07 15.20 -2.41
C ILE A 216 -0.12 16.37 -2.64
N GLN A 217 -0.17 16.97 -3.82
CA GLN A 217 0.71 18.08 -4.15
C GLN A 217 0.51 19.26 -3.20
N LYS A 218 -0.76 19.58 -2.93
CA LYS A 218 -1.07 20.67 -2.01
C LYS A 218 -0.56 20.40 -0.60
N THR A 219 -0.62 19.14 -0.18
CA THR A 219 -0.23 18.80 1.18
C THR A 219 1.29 18.83 1.33
N ILE A 220 2.00 18.24 0.39
CA ILE A 220 3.46 18.23 0.41
C ILE A 220 4.00 19.65 0.28
N GLN A 221 3.23 20.48 -0.41
CA GLN A 221 3.67 21.83 -0.75
C GLN A 221 3.34 22.86 0.32
N ALA A 222 2.51 22.47 1.29
CA ALA A 222 2.01 23.42 2.29
C ALA A 222 3.10 23.92 3.22
CAN 0HL B . -5.68 -6.31 10.63
CAS 0HL B . -4.78 -6.95 11.49
CAY 0HL B . -3.43 -6.62 11.45
CBC 0HL B . -2.52 -7.23 12.33
OBG 0HL B . -1.18 -7.00 12.28
CBI 0HL B . -0.72 -6.03 11.33
CBF 0HL B . -2.99 -8.17 13.24
CBB 0HL B . -4.35 -8.49 13.28
CAX 0HL B . -5.25 -7.88 12.40
CAT 0HL B . -6.61 -8.18 12.44
CAO 0HL B . -7.51 -7.55 11.59
CAG 0HL B . -7.03 -6.61 10.68
SAC 0HL B . -8.09 -5.75 9.61
OAH 0HL B . -8.15 -6.47 8.29
OAI 0HL B . -9.45 -5.62 10.20
N 0HL B . -7.38 -4.29 9.41
CAD 0HL B . -7.66 -3.34 10.50
CAJ 0HL B . -6.47 -2.42 10.73
CAP 0HL B . -5.20 -2.76 10.46
CAU 0HL B . -4.23 -1.87 10.66
SAV 0HL B . -5.03 -0.49 11.26
CAQ 0HL B . -6.59 -1.18 11.20
CA 0HL B . -7.50 -3.68 8.08
C 0HL B . -6.64 -4.38 7.04
O 0HL B . -5.59 -4.97 7.28
CB 0HL B . -8.86 -3.74 7.42
CAM 0HL B . -8.45 -3.51 5.96
NAK 0HL B . -7.21 -4.27 5.84
CAR 0HL B . -6.66 -4.82 4.60
CAW 0HL B . -7.38 -6.04 4.02
CAZ 0HL B . -7.27 -6.38 2.73
CBA 0HL B . -8.16 -6.84 4.75
SBE 0HL B . -8.75 -8.05 3.72
CBD 0HL B . -7.93 -7.46 2.34
CBH 0HL B . -8.03 -8.06 1.08
NBK 0HL B . -8.70 -9.21 0.95
NBJ 0HL B . -7.48 -7.50 0.01
#